data_5OEI
#
_entry.id   5OEI
#
_cell.length_a   47.314
_cell.length_b   168.468
_cell.length_c   82.537
_cell.angle_alpha   90.00
_cell.angle_beta   90.00
_cell.angle_gamma   90.00
#
_symmetry.space_group_name_H-M   'C 2 2 21'
#
loop_
_entity.id
_entity.type
_entity.pdbx_description
1 polymer 'Uncharacterized protein family UPF0065:Tat pathway signal'
2 non-polymer '2-OXOADIPIC ACID'
3 non-polymer 'SULFATE ION'
4 non-polymer GLYCEROL
5 water water
#
_entity_poly.entity_id   1
_entity_poly.type   'polypeptide(L)'
_entity_poly.pdbx_seq_one_letter_code
;MGGSHHHHHHGMASMTGGQQMGRDLYDDDDKDPSSDWPTRQVTLVVPFTSGGTTDMLARLIAARLSEHYGQSFVIDNRSG
ESGNIAASYVAKVPADGYTFIIGTPGIHATNRLVYRTMGYDPATDFTPVIVIARVPNLLSVTKSLPVTSVADLISYARQR
PRELFYGVSALGSTGHLSTELFKTMTGVEITAVPYKGSAPMLRDLAEGRVHLTIDNLPASKPLLEAGEIRPLAVTTAKRW
PPLSHLPTIAEAGVPGYETASWFTVGAPRGTPTEIVTSLNTTVAAFLGSDSGTVKLREIGAEPGGGSPQDMQRHVEAEIA
RWEKVAKTAGIAPL
;
_entity_poly.pdbx_strand_id   A
#
# COMPACT_ATOMS: atom_id res chain seq x y z
N ASP A 36 20.64 21.97 14.48
CA ASP A 36 21.70 20.98 14.36
C ASP A 36 21.18 19.60 13.91
N TRP A 37 19.88 19.42 14.02
CA TRP A 37 19.26 18.13 13.64
C TRP A 37 19.60 17.70 12.19
N PRO A 38 19.94 16.43 11.92
CA PRO A 38 20.13 15.35 12.91
C PRO A 38 21.61 15.29 13.38
N THR A 39 21.82 15.07 14.69
CA THR A 39 23.16 14.83 15.25
C THR A 39 23.51 13.34 15.50
N ARG A 40 22.57 12.42 15.25
CA ARG A 40 22.69 10.97 15.54
C ARG A 40 21.68 10.18 14.66
N GLN A 41 21.73 8.86 14.76
CA GLN A 41 20.99 7.97 13.91
C GLN A 41 19.47 8.24 14.01
N VAL A 42 18.80 8.25 12.85
CA VAL A 42 17.29 8.40 12.79
C VAL A 42 16.67 7.03 12.40
N THR A 43 15.60 6.61 13.07
CA THR A 43 14.87 5.43 12.66
C THR A 43 13.57 5.72 11.86
N LEU A 44 13.43 5.01 10.74
CA LEU A 44 12.19 4.89 9.97
C LEU A 44 11.51 3.55 10.32
N VAL A 45 10.41 3.62 11.03
CA VAL A 45 9.66 2.42 11.42
C VAL A 45 8.75 2.01 10.24
N VAL A 46 8.86 0.75 9.77
CA VAL A 46 8.19 0.23 8.59
C VAL A 46 7.22 -0.91 9.09
N PRO A 47 5.91 -0.80 8.81
CA PRO A 47 4.94 -1.72 9.42
C PRO A 47 4.80 -3.14 8.84
N PHE A 48 5.61 -3.44 7.84
CA PHE A 48 5.67 -4.76 7.16
C PHE A 48 7.11 -5.27 6.92
N THR A 49 7.21 -6.57 6.74
CA THR A 49 8.54 -7.21 6.46
C THR A 49 9.07 -6.86 5.05
N SER A 50 10.35 -7.15 4.77
CA SER A 50 10.93 -6.83 3.46
C SER A 50 10.27 -7.69 2.30
N GLY A 51 10.34 -7.17 1.08
CA GLY A 51 9.72 -7.79 -0.12
C GLY A 51 8.28 -7.38 -0.29
N GLY A 52 7.82 -6.38 0.47
CA GLY A 52 6.55 -5.71 0.18
C GLY A 52 6.83 -4.30 -0.27
N THR A 53 5.81 -3.64 -0.78
CA THR A 53 5.97 -2.27 -1.28
C THR A 53 6.37 -1.25 -0.23
N THR A 54 5.82 -1.39 1.00
CA THR A 54 6.15 -0.42 2.06
C THR A 54 7.70 -0.36 2.30
N ASP A 55 8.29 -1.54 2.47
CA ASP A 55 9.76 -1.65 2.68
C ASP A 55 10.57 -1.22 1.45
N MET A 56 10.12 -1.59 0.25
CA MET A 56 10.80 -1.13 -1.01
C MET A 56 10.89 0.39 -1.15
N LEU A 57 9.78 1.11 -0.89
CA LEU A 57 9.83 2.56 -0.89
C LEU A 57 10.68 3.12 0.27
N ALA A 58 10.53 2.52 1.48
CA ALA A 58 11.32 2.96 2.66
C ALA A 58 12.83 2.88 2.37
N ARG A 59 13.27 1.83 1.68
CA ARG A 59 14.73 1.66 1.44
C ARG A 59 15.27 2.75 0.50
N LEU A 60 14.46 3.15 -0.47
CA LEU A 60 14.82 4.22 -1.40
C LEU A 60 14.97 5.53 -0.71
N ILE A 61 13.96 5.83 0.12
CA ILE A 61 13.98 7.02 0.92
C ILE A 61 15.12 7.03 1.95
N ALA A 62 15.28 5.94 2.68
CA ALA A 62 16.34 5.90 3.69
C ALA A 62 17.76 6.20 3.13
N ALA A 63 18.08 5.60 1.98
CA ALA A 63 19.38 5.85 1.30
C ALA A 63 19.58 7.31 0.93
N ARG A 64 18.56 7.91 0.35
CA ARG A 64 18.60 9.35 -0.04
C ARG A 64 18.72 10.30 1.15
N LEU A 65 17.96 10.06 2.21
CA LEU A 65 18.08 10.87 3.40
C LEU A 65 19.46 10.75 4.07
N SER A 66 19.96 9.54 4.14
CA SER A 66 21.30 9.28 4.72
C SER A 66 22.42 10.09 4.02
N GLU A 67 22.38 10.10 2.71
CA GLU A 67 23.34 10.86 1.89
C GLU A 67 23.17 12.34 2.04
N HIS A 68 21.94 12.84 2.00
CA HIS A 68 21.68 14.27 2.16
C HIS A 68 22.13 14.83 3.50
N TYR A 69 21.82 14.15 4.61
CA TYR A 69 22.04 14.70 5.96
C TYR A 69 23.33 14.25 6.63
N GLY A 70 24.05 13.28 6.07
CA GLY A 70 25.24 12.72 6.70
C GLY A 70 25.05 11.99 8.03
N GLN A 71 23.86 11.44 8.27
CA GLN A 71 23.62 10.56 9.42
C GLN A 71 22.87 9.38 8.85
N SER A 72 23.01 8.22 9.48
CA SER A 72 22.27 7.05 9.07
C SER A 72 20.79 7.16 9.37
N PHE A 73 19.99 6.84 8.37
CA PHE A 73 18.54 6.67 8.49
C PHE A 73 18.36 5.17 8.34
N VAL A 74 18.00 4.47 9.41
CA VAL A 74 17.92 3.02 9.38
C VAL A 74 16.49 2.58 9.44
N ILE A 75 16.19 1.43 8.86
CA ILE A 75 14.84 0.88 8.87
C ILE A 75 14.63 -0.09 10.01
N ASP A 76 13.50 0.01 10.76
CA ASP A 76 13.09 -0.94 11.76
C ASP A 76 11.83 -1.62 11.25
N ASN A 77 11.92 -2.89 10.83
CA ASN A 77 10.73 -3.63 10.35
C ASN A 77 9.97 -4.18 11.56
N ARG A 78 8.79 -3.62 11.87
CA ARG A 78 8.03 -3.93 13.03
C ARG A 78 6.62 -4.33 12.60
N SER A 79 6.48 -5.60 12.28
CA SER A 79 5.19 -6.18 11.82
C SER A 79 4.21 -6.50 12.93
N GLY A 80 2.93 -6.57 12.58
CA GLY A 80 1.85 -7.02 13.45
C GLY A 80 0.59 -6.20 13.28
N GLU A 81 -0.54 -6.89 13.18
CA GLU A 81 -1.89 -6.33 13.18
C GLU A 81 -2.06 -5.22 12.10
N SER A 82 -1.69 -5.56 10.88
CA SER A 82 -1.79 -4.68 9.70
C SER A 82 -1.13 -3.30 9.91
N GLY A 83 -0.01 -3.27 10.65
CA GLY A 83 0.67 -2.02 11.00
C GLY A 83 0.26 -1.35 12.30
N ASN A 84 -0.72 -1.87 13.01
CA ASN A 84 -1.16 -1.26 14.29
C ASN A 84 -0.05 -1.26 15.42
N ILE A 85 0.79 -2.31 15.42
CA ILE A 85 1.83 -2.43 16.42
C ILE A 85 2.85 -1.37 16.20
N ALA A 86 3.29 -1.20 14.93
CA ALA A 86 4.20 -0.13 14.53
C ALA A 86 3.67 1.28 14.81
N ALA A 87 2.43 1.55 14.40
CA ALA A 87 1.81 2.86 14.59
C ALA A 87 1.62 3.20 16.10
N SER A 88 1.21 2.19 16.89
CA SER A 88 1.09 2.38 18.37
C SER A 88 2.39 2.76 19.01
N TYR A 89 3.48 2.13 18.58
CA TYR A 89 4.84 2.47 18.99
C TYR A 89 5.25 3.93 18.67
N VAL A 90 5.15 4.33 17.40
CA VAL A 90 5.58 5.66 16.99
C VAL A 90 4.71 6.74 17.69
N ALA A 91 3.45 6.44 17.96
CA ALA A 91 2.59 7.38 18.70
C ALA A 91 3.14 7.72 20.09
N LYS A 92 4.01 6.88 20.64
CA LYS A 92 4.48 7.03 22.02
C LYS A 92 5.90 7.50 22.16
N VAL A 93 6.68 7.50 21.09
CA VAL A 93 8.12 7.85 21.21
C VAL A 93 8.30 9.37 21.38
N PRO A 94 9.44 9.78 21.91
CA PRO A 94 9.69 11.23 21.95
C PRO A 94 9.61 11.93 20.58
N ALA A 95 9.04 13.14 20.59
CA ALA A 95 8.83 13.94 19.41
C ALA A 95 10.09 14.78 19.15
N ASP A 96 11.22 14.11 18.94
CA ASP A 96 12.57 14.77 18.83
C ASP A 96 13.17 14.75 17.43
N GLY A 97 12.49 14.13 16.47
CA GLY A 97 13.06 13.94 15.14
C GLY A 97 13.94 12.74 14.91
N TYR A 98 13.99 11.79 15.85
CA TYR A 98 14.85 10.62 15.64
C TYR A 98 14.04 9.39 15.36
N THR A 99 12.69 9.51 15.32
CA THR A 99 11.81 8.39 14.91
C THR A 99 10.68 8.92 14.00
N PHE A 100 10.45 8.24 12.87
CA PHE A 100 9.30 8.48 11.99
C PHE A 100 8.60 7.20 11.65
N ILE A 101 7.34 7.30 11.21
CA ILE A 101 6.56 6.16 10.68
C ILE A 101 6.46 6.27 9.14
N ILE A 102 6.67 5.13 8.42
CA ILE A 102 6.31 5.02 7.01
C ILE A 102 4.86 4.52 6.99
N GLY A 103 3.96 5.46 6.78
CA GLY A 103 2.55 5.17 6.88
C GLY A 103 1.97 4.55 5.62
N THR A 104 0.79 3.94 5.80
CA THR A 104 0.07 3.16 4.82
C THR A 104 -1.43 3.54 4.81
N PRO A 105 -2.18 3.06 3.80
CA PRO A 105 -3.63 3.34 3.89
C PRO A 105 -4.32 2.75 5.18
N GLY A 106 -3.87 1.56 5.58
CA GLY A 106 -4.33 0.93 6.85
C GLY A 106 -4.21 1.80 8.05
N ILE A 107 -2.99 2.26 8.28
CA ILE A 107 -2.66 3.05 9.49
C ILE A 107 -3.45 4.39 9.48
N HIS A 108 -3.51 5.07 8.34
CA HIS A 108 -4.15 6.37 8.24
C HIS A 108 -5.66 6.37 8.03
N ALA A 109 -6.19 5.32 7.41
CA ALA A 109 -7.55 5.38 6.82
C ALA A 109 -8.42 4.12 6.91
N THR A 110 -7.89 2.92 6.75
CA THR A 110 -8.71 1.73 6.52
C THR A 110 -8.69 0.72 7.65
N ASN A 111 -7.70 0.74 8.56
CA ASN A 111 -7.70 -0.28 9.64
C ASN A 111 -8.95 -0.14 10.56
N ARG A 112 -9.48 1.08 10.71
CA ARG A 112 -10.74 1.35 11.46
C ARG A 112 -11.95 0.60 10.93
N LEU A 113 -11.89 0.16 9.68
CA LEU A 113 -12.95 -0.69 9.04
C LEU A 113 -12.90 -2.18 9.38
N VAL A 114 -11.76 -2.66 9.89
CA VAL A 114 -11.66 -4.10 10.23
C VAL A 114 -11.23 -4.42 11.67
N TYR A 115 -10.69 -3.43 12.38
CA TYR A 115 -10.23 -3.61 13.77
C TYR A 115 -11.05 -2.78 14.74
N ARG A 116 -11.54 -3.41 15.79
CA ARG A 116 -12.29 -2.69 16.82
C ARG A 116 -11.44 -1.78 17.70
N THR A 117 -10.26 -2.21 18.07
CA THR A 117 -9.37 -1.41 18.93
C THR A 117 -7.99 -1.41 18.29
N MET A 118 -7.27 -0.30 18.34
CA MET A 118 -6.05 -0.23 17.53
C MET A 118 -4.79 0.12 18.30
N GLY A 119 -4.97 0.72 19.48
CA GLY A 119 -3.86 1.05 20.32
C GLY A 119 -3.39 2.50 20.14
N TYR A 120 -3.96 3.24 19.20
CA TYR A 120 -3.55 4.62 18.88
C TYR A 120 -4.72 5.29 18.15
N ASP A 121 -4.65 6.62 18.02
CA ASP A 121 -5.64 7.39 17.28
C ASP A 121 -4.92 8.10 16.14
N PRO A 122 -5.10 7.60 14.91
CA PRO A 122 -4.35 8.18 13.80
C PRO A 122 -4.65 9.66 13.59
N ALA A 123 -5.86 10.11 13.91
CA ALA A 123 -6.16 11.52 13.70
C ALA A 123 -5.38 12.49 14.59
N THR A 124 -5.08 12.10 15.81
CA THR A 124 -4.47 13.02 16.81
C THR A 124 -3.01 12.69 17.12
N ASP A 125 -2.62 11.42 16.96
CA ASP A 125 -1.27 11.04 17.45
C ASP A 125 -0.06 11.44 16.53
N PHE A 126 -0.27 11.69 15.25
CA PHE A 126 0.83 12.01 14.34
C PHE A 126 0.68 13.43 13.80
N THR A 127 1.73 13.92 13.15
CA THR A 127 1.66 15.13 12.39
C THR A 127 2.20 14.77 10.98
N PRO A 128 1.52 15.22 9.89
CA PRO A 128 1.99 14.85 8.52
C PRO A 128 3.36 15.40 8.09
N VAL A 129 4.10 14.62 7.29
CA VAL A 129 5.34 15.09 6.67
C VAL A 129 5.18 15.20 5.13
N ILE A 130 4.93 14.06 4.49
CA ILE A 130 4.68 14.06 3.00
C ILE A 130 4.13 12.72 2.48
N VAL A 131 3.35 12.77 1.39
CA VAL A 131 2.97 11.59 0.66
C VAL A 131 4.18 11.17 -0.23
N ILE A 132 4.67 9.94 -0.04
CA ILE A 132 5.87 9.47 -0.77
C ILE A 132 5.43 9.10 -2.22
N ALA A 133 4.32 8.41 -2.41
CA ALA A 133 3.98 7.78 -3.72
C ALA A 133 2.53 7.39 -3.79
N ARG A 134 2.02 7.35 -5.01
CA ARG A 134 0.67 6.79 -5.28
C ARG A 134 0.91 5.58 -6.18
N VAL A 135 0.22 4.47 -5.92
CA VAL A 135 0.64 3.17 -6.48
C VAL A 135 -0.57 2.42 -6.99
N PRO A 136 -0.53 1.93 -8.23
CA PRO A 136 -1.64 1.08 -8.72
C PRO A 136 -1.66 -0.27 -8.00
N ASN A 137 -2.87 -0.86 -7.86
CA ASN A 137 -2.96 -2.25 -7.51
C ASN A 137 -3.12 -3.06 -8.82
N LEU A 138 -2.87 -4.38 -8.70
CA LEU A 138 -2.78 -5.33 -9.85
C LEU A 138 -3.54 -6.61 -9.48
N LEU A 139 -4.54 -6.97 -10.32
CA LEU A 139 -5.17 -8.27 -10.27
C LEU A 139 -4.32 -9.26 -11.02
N SER A 140 -3.93 -10.34 -10.33
CA SER A 140 -3.11 -11.45 -10.88
C SER A 140 -3.69 -12.79 -10.44
N VAL A 141 -3.40 -13.82 -11.24
CA VAL A 141 -3.78 -15.21 -10.94
C VAL A 141 -2.55 -16.14 -10.96
N THR A 142 -2.67 -17.26 -10.24
CA THR A 142 -1.62 -18.30 -10.25
C THR A 142 -1.58 -18.93 -11.68
N LYS A 143 -0.41 -19.42 -12.08
CA LYS A 143 -0.22 -19.85 -13.51
C LYS A 143 -1.16 -21.00 -13.90
N SER A 144 -1.38 -21.93 -12.98
CA SER A 144 -2.29 -23.07 -13.28
C SER A 144 -3.78 -22.76 -13.36
N LEU A 145 -4.24 -21.55 -12.97
CA LEU A 145 -5.62 -21.17 -13.16
C LEU A 145 -5.76 -20.82 -14.66
N PRO A 146 -6.67 -21.50 -15.35
CA PRO A 146 -6.68 -21.37 -16.87
C PRO A 146 -7.57 -20.19 -17.33
N VAL A 147 -7.14 -18.99 -16.98
CA VAL A 147 -7.85 -17.77 -17.29
C VAL A 147 -6.81 -16.75 -17.76
N THR A 148 -7.15 -15.96 -18.78
CA THR A 148 -6.24 -14.95 -19.32
C THR A 148 -6.82 -13.52 -19.34
N SER A 149 -8.00 -13.29 -18.80
CA SER A 149 -8.60 -11.95 -18.82
C SER A 149 -9.56 -11.82 -17.65
N VAL A 150 -9.97 -10.56 -17.33
CA VAL A 150 -10.95 -10.33 -16.26
C VAL A 150 -12.29 -11.06 -16.55
N ALA A 151 -12.77 -10.95 -17.80
CA ALA A 151 -13.98 -11.64 -18.20
C ALA A 151 -13.89 -13.19 -18.05
N ASP A 152 -12.75 -13.80 -18.44
CA ASP A 152 -12.50 -15.25 -18.21
C ASP A 152 -12.60 -15.59 -16.68
N LEU A 153 -12.02 -14.72 -15.84
CA LEU A 153 -12.03 -14.98 -14.37
C LEU A 153 -13.45 -14.99 -13.78
N ILE A 154 -14.22 -14.03 -14.21
CA ILE A 154 -15.62 -13.86 -13.73
C ILE A 154 -16.43 -15.07 -14.13
N SER A 155 -16.30 -15.50 -15.39
CA SER A 155 -16.99 -16.75 -15.79
C SER A 155 -16.55 -17.98 -15.02
N TYR A 156 -15.25 -18.16 -14.90
CA TYR A 156 -14.68 -19.34 -14.24
C TYR A 156 -15.14 -19.42 -12.76
N ALA A 157 -15.09 -18.30 -12.07
CA ALA A 157 -15.56 -18.23 -10.67
C ALA A 157 -17.10 -18.35 -10.50
N ARG A 158 -17.86 -17.73 -11.41
CA ARG A 158 -19.36 -17.89 -11.39
C ARG A 158 -19.73 -19.38 -11.54
N GLN A 159 -18.95 -20.16 -12.28
CA GLN A 159 -19.16 -21.63 -12.42
C GLN A 159 -18.82 -22.46 -11.18
N ARG A 160 -18.03 -21.89 -10.25
CA ARG A 160 -17.45 -22.60 -9.08
C ARG A 160 -17.57 -21.75 -7.81
N PRO A 161 -18.80 -21.35 -7.45
CA PRO A 161 -19.01 -20.45 -6.35
C PRO A 161 -18.52 -21.00 -5.00
N ARG A 162 -17.80 -20.15 -4.26
CA ARG A 162 -17.31 -20.52 -2.92
C ARG A 162 -16.28 -21.67 -2.94
N GLU A 163 -15.66 -22.04 -4.08
CA GLU A 163 -14.57 -23.02 -4.13
C GLU A 163 -13.14 -22.48 -4.12
N LEU A 164 -12.90 -21.30 -4.71
CA LEU A 164 -11.58 -20.72 -4.87
C LEU A 164 -11.21 -19.76 -3.73
N PHE A 165 -9.92 -19.52 -3.61
CA PHE A 165 -9.30 -18.75 -2.52
C PHE A 165 -8.50 -17.59 -3.07
N TYR A 166 -8.52 -16.47 -2.36
CA TYR A 166 -7.63 -15.31 -2.73
C TYR A 166 -6.72 -14.86 -1.57
N GLY A 167 -5.56 -14.33 -1.94
CA GLY A 167 -4.64 -13.83 -0.99
C GLY A 167 -4.83 -12.37 -0.57
N VAL A 168 -4.79 -12.14 0.74
CA VAL A 168 -4.89 -10.79 1.36
C VAL A 168 -3.52 -10.48 1.96
N SER A 169 -2.84 -9.43 1.48
CA SER A 169 -1.53 -9.07 2.06
C SER A 169 -1.61 -8.65 3.56
N ALA A 170 -2.73 -8.00 3.94
CA ALA A 170 -3.02 -7.69 5.34
C ALA A 170 -4.51 -7.39 5.52
N LEU A 171 -5.08 -7.77 6.68
CA LEU A 171 -6.48 -7.39 6.97
C LEU A 171 -6.64 -5.84 6.84
N GLY A 172 -7.63 -5.39 6.05
CA GLY A 172 -7.95 -3.99 5.84
C GLY A 172 -7.07 -3.30 4.76
N SER A 173 -6.15 -4.02 4.14
CA SER A 173 -5.26 -3.42 3.09
C SER A 173 -6.14 -2.96 1.90
N THR A 174 -5.57 -2.11 1.07
CA THR A 174 -6.35 -1.65 -0.13
C THR A 174 -6.61 -2.87 -1.07
N GLY A 175 -5.66 -3.82 -1.10
CA GLY A 175 -5.88 -5.11 -1.81
C GLY A 175 -7.07 -5.93 -1.33
N HIS A 176 -7.13 -6.05 -0.01
CA HIS A 176 -8.27 -6.70 0.64
C HIS A 176 -9.63 -6.07 0.29
N LEU A 177 -9.73 -4.77 0.53
CA LEU A 177 -10.97 -4.06 0.22
C LEU A 177 -11.22 -3.96 -1.32
N SER A 178 -10.18 -3.92 -2.14
CA SER A 178 -10.35 -3.98 -3.60
C SER A 178 -11.01 -5.29 -4.08
N THR A 179 -10.61 -6.43 -3.49
CA THR A 179 -11.14 -7.72 -3.92
C THR A 179 -12.55 -7.79 -3.44
N GLU A 180 -12.82 -7.36 -2.19
CA GLU A 180 -14.24 -7.43 -1.70
C GLU A 180 -15.18 -6.53 -2.54
N LEU A 181 -14.71 -5.35 -2.97
CA LEU A 181 -15.53 -4.54 -3.88
C LEU A 181 -15.73 -5.27 -5.24
N PHE A 182 -14.67 -5.86 -5.80
CA PHE A 182 -14.76 -6.59 -7.07
C PHE A 182 -15.82 -7.71 -6.94
N LYS A 183 -15.77 -8.42 -5.80
CA LYS A 183 -16.77 -9.44 -5.51
C LYS A 183 -18.20 -8.91 -5.58
N THR A 184 -18.45 -7.80 -4.88
CA THR A 184 -19.81 -7.19 -4.89
C THR A 184 -20.21 -6.70 -6.27
N MET A 185 -19.33 -6.03 -6.99
CA MET A 185 -19.66 -5.54 -8.33
C MET A 185 -19.80 -6.60 -9.44
N THR A 186 -19.33 -7.85 -9.23
CA THR A 186 -19.39 -8.90 -10.28
C THR A 186 -20.22 -10.12 -9.87
N GLY A 187 -20.67 -10.20 -8.62
CA GLY A 187 -21.33 -11.42 -8.08
C GLY A 187 -20.48 -12.66 -7.83
N VAL A 188 -19.17 -12.57 -7.86
CA VAL A 188 -18.35 -13.73 -7.63
C VAL A 188 -18.10 -13.99 -6.12
N GLU A 189 -18.07 -15.29 -5.81
CA GLU A 189 -17.86 -15.78 -4.40
C GLU A 189 -16.55 -16.55 -4.30
N ILE A 190 -15.59 -15.92 -3.60
CA ILE A 190 -14.24 -16.42 -3.41
C ILE A 190 -13.80 -16.07 -1.99
N THR A 191 -12.93 -16.89 -1.38
CA THR A 191 -12.70 -16.89 0.12
C THR A 191 -11.33 -16.28 0.42
N ALA A 192 -11.28 -15.27 1.27
CA ALA A 192 -10.09 -14.57 1.69
C ALA A 192 -9.18 -15.41 2.62
N VAL A 193 -7.86 -15.36 2.37
CA VAL A 193 -6.81 -15.96 3.21
C VAL A 193 -5.83 -14.85 3.57
N PRO A 194 -5.85 -14.37 4.83
CA PRO A 194 -4.93 -13.30 5.25
C PRO A 194 -3.55 -13.76 5.57
N TYR A 195 -2.55 -12.94 5.29
CA TYR A 195 -1.13 -13.19 5.51
C TYR A 195 -0.57 -11.99 6.32
N LYS A 196 0.70 -12.07 6.68
CA LYS A 196 1.35 -11.01 7.48
C LYS A 196 1.97 -9.85 6.68
N GLY A 197 1.91 -9.99 5.36
CA GLY A 197 2.45 -8.98 4.44
C GLY A 197 2.36 -9.52 2.99
N SER A 198 2.66 -8.67 2.01
CA SER A 198 2.71 -9.08 0.58
C SER A 198 3.68 -10.26 0.34
N ALA A 199 4.80 -10.23 1.01
CA ALA A 199 5.87 -11.22 0.77
C ALA A 199 5.46 -12.70 1.00
N PRO A 200 4.94 -13.07 2.19
CA PRO A 200 4.46 -14.45 2.32
C PRO A 200 3.19 -14.74 1.44
N MET A 201 2.31 -13.77 1.24
CA MET A 201 1.10 -13.97 0.39
C MET A 201 1.52 -14.38 -1.06
N LEU A 202 2.45 -13.66 -1.66
CA LEU A 202 2.86 -13.83 -3.03
C LEU A 202 3.57 -15.18 -3.24
N ARG A 203 4.30 -15.65 -2.23
CA ARG A 203 4.87 -17.03 -2.27
C ARG A 203 3.78 -18.09 -2.38
N ASP A 204 2.71 -17.93 -1.63
CA ASP A 204 1.56 -18.84 -1.73
C ASP A 204 0.77 -18.70 -3.06
N LEU A 205 0.64 -17.48 -3.57
CA LEU A 205 0.03 -17.27 -4.90
C LEU A 205 0.88 -18.01 -6.01
N ALA A 206 2.21 -17.86 -5.97
CA ALA A 206 3.09 -18.57 -6.98
C ALA A 206 2.92 -20.11 -6.93
N GLU A 207 2.87 -20.67 -5.71
CA GLU A 207 2.53 -22.09 -5.49
C GLU A 207 1.11 -22.56 -5.78
N GLY A 208 0.15 -21.65 -5.86
CA GLY A 208 -1.24 -22.07 -6.09
C GLY A 208 -2.02 -22.43 -4.82
N ARG A 209 -1.46 -22.07 -3.64
CA ARG A 209 -2.19 -22.20 -2.37
C ARG A 209 -3.31 -21.15 -2.22
N VAL A 210 -3.15 -20.01 -2.93
CA VAL A 210 -4.33 -19.18 -3.33
C VAL A 210 -4.36 -19.03 -4.87
N HIS A 211 -5.57 -18.77 -5.40
CA HIS A 211 -5.82 -18.75 -6.87
C HIS A 211 -5.58 -17.38 -7.56
N LEU A 212 -5.68 -16.30 -6.76
CA LEU A 212 -5.58 -14.92 -7.30
C LEU A 212 -5.38 -13.93 -6.17
N THR A 213 -4.99 -12.72 -6.53
CA THR A 213 -4.92 -11.59 -5.62
C THR A 213 -5.20 -10.25 -6.32
N ILE A 214 -5.59 -9.24 -5.54
CA ILE A 214 -5.36 -7.82 -5.91
C ILE A 214 -4.40 -7.23 -4.88
N ASP A 215 -3.24 -6.76 -5.32
CA ASP A 215 -2.23 -6.21 -4.36
C ASP A 215 -1.34 -5.20 -5.07
N ASN A 216 -0.52 -4.49 -4.31
CA ASN A 216 0.30 -3.37 -4.80
C ASN A 216 1.23 -3.85 -5.96
N LEU A 217 1.34 -3.04 -7.00
CA LEU A 217 2.16 -3.43 -8.15
C LEU A 217 3.66 -3.72 -7.83
N PRO A 218 4.33 -2.86 -7.04
CA PRO A 218 5.79 -3.07 -6.89
C PRO A 218 6.21 -4.45 -6.34
N ALA A 219 5.48 -4.94 -5.35
CA ALA A 219 5.74 -6.22 -4.76
C ALA A 219 5.49 -7.37 -5.79
N SER A 220 4.42 -7.24 -6.61
CA SER A 220 4.06 -8.27 -7.62
C SER A 220 4.96 -8.26 -8.88
N LYS A 221 5.56 -7.12 -9.18
CA LYS A 221 6.25 -6.96 -10.49
C LYS A 221 7.43 -7.90 -10.73
N PRO A 222 8.31 -8.13 -9.73
CA PRO A 222 9.34 -9.16 -9.99
C PRO A 222 8.81 -10.55 -10.29
N LEU A 223 7.73 -10.98 -9.63
CA LEU A 223 7.09 -12.23 -10.01
C LEU A 223 6.52 -12.22 -11.46
N LEU A 224 5.94 -11.12 -11.90
CA LEU A 224 5.46 -10.94 -13.29
C LEU A 224 6.53 -11.19 -14.28
N GLU A 225 7.65 -10.55 -14.02
CA GLU A 225 8.81 -10.55 -14.91
C GLU A 225 9.54 -11.88 -14.88
N ALA A 226 9.50 -12.63 -13.77
CA ALA A 226 9.98 -14.03 -13.75
C ALA A 226 8.97 -15.06 -14.31
N GLY A 227 7.80 -14.62 -14.76
CA GLY A 227 6.75 -15.49 -15.22
C GLY A 227 6.08 -16.41 -14.22
N GLU A 228 6.12 -16.07 -12.93
CA GLU A 228 5.63 -16.96 -11.85
C GLU A 228 4.17 -16.75 -11.55
N ILE A 229 3.60 -15.60 -11.93
CA ILE A 229 2.17 -15.30 -11.85
C ILE A 229 1.71 -14.61 -13.17
N ARG A 230 0.41 -14.63 -13.46
CA ARG A 230 -0.15 -14.04 -14.68
C ARG A 230 -0.97 -12.75 -14.32
N PRO A 231 -0.51 -11.57 -14.79
CA PRO A 231 -1.24 -10.33 -14.59
C PRO A 231 -2.45 -10.21 -15.50
N LEU A 232 -3.57 -9.74 -14.96
CA LEU A 232 -4.81 -9.53 -15.74
C LEU A 232 -5.13 -8.04 -16.03
N ALA A 233 -5.07 -7.18 -15.00
CA ALA A 233 -5.55 -5.80 -15.10
C ALA A 233 -5.10 -4.95 -13.89
N VAL A 234 -4.91 -3.64 -14.13
CA VAL A 234 -4.71 -2.63 -13.05
C VAL A 234 -6.00 -2.12 -12.52
N THR A 235 -6.00 -1.66 -11.25
CA THR A 235 -7.19 -1.16 -10.59
C THR A 235 -7.52 0.32 -10.82
N THR A 236 -6.58 1.10 -11.39
CA THR A 236 -6.73 2.52 -11.57
C THR A 236 -7.67 2.89 -12.80
N ALA A 237 -8.10 4.16 -12.81
CA ALA A 237 -8.98 4.72 -13.87
C ALA A 237 -8.30 4.77 -15.26
N LYS A 238 -6.98 4.90 -15.28
CA LYS A 238 -6.15 4.86 -16.48
C LYS A 238 -5.12 3.79 -16.41
N ARG A 239 -4.65 3.33 -17.55
CA ARG A 239 -3.62 2.31 -17.60
C ARG A 239 -2.35 2.82 -16.93
N TRP A 240 -1.54 1.90 -16.43
CA TRP A 240 -0.14 2.26 -16.02
C TRP A 240 0.80 2.35 -17.24
N PRO A 241 1.31 3.55 -17.55
CA PRO A 241 2.03 3.64 -18.85
C PRO A 241 3.18 2.64 -19.09
N PRO A 242 4.04 2.31 -18.04
CA PRO A 242 5.10 1.37 -18.33
C PRO A 242 4.60 -0.07 -18.54
N LEU A 243 3.33 -0.35 -18.27
CA LEU A 243 2.70 -1.63 -18.63
C LEU A 243 1.46 -1.31 -19.45
N SER A 244 1.61 -0.52 -20.52
CA SER A 244 0.47 0.14 -21.17
C SER A 244 -0.44 -0.80 -21.91
N HIS A 245 -0.06 -2.04 -22.07
CA HIS A 245 -0.98 -2.99 -22.70
C HIS A 245 -1.74 -3.90 -21.73
N LEU A 246 -1.61 -3.73 -20.39
CA LEU A 246 -2.54 -4.34 -19.42
C LEU A 246 -3.73 -3.41 -19.29
N PRO A 247 -4.94 -3.93 -19.54
CA PRO A 247 -6.12 -3.03 -19.36
C PRO A 247 -6.42 -2.62 -17.87
N THR A 248 -7.30 -1.64 -17.68
CA THR A 248 -7.88 -1.32 -16.38
C THR A 248 -9.01 -2.35 -16.14
N ILE A 249 -9.28 -2.66 -14.86
CA ILE A 249 -10.49 -3.48 -14.51
C ILE A 249 -11.80 -2.90 -15.08
N ALA A 250 -11.93 -1.58 -15.01
CA ALA A 250 -13.12 -0.87 -15.56
C ALA A 250 -13.32 -1.12 -17.07
N GLU A 251 -12.27 -1.02 -17.88
CA GLU A 251 -12.41 -1.28 -19.31
C GLU A 251 -12.49 -2.78 -19.63
N ALA A 252 -12.16 -3.68 -18.69
CA ALA A 252 -12.16 -5.10 -18.98
C ALA A 252 -13.39 -5.79 -18.47
N GLY A 253 -14.40 -5.04 -18.05
CA GLY A 253 -15.71 -5.63 -17.71
C GLY A 253 -16.41 -5.17 -16.43
N VAL A 254 -15.85 -4.22 -15.69
CA VAL A 254 -16.43 -3.77 -14.39
C VAL A 254 -16.54 -2.24 -14.40
N PRO A 255 -17.56 -1.69 -15.10
CA PRO A 255 -17.68 -0.22 -15.25
C PRO A 255 -17.70 0.58 -13.95
N GLY A 256 -16.86 1.60 -13.93
CA GLY A 256 -16.75 2.53 -12.80
C GLY A 256 -15.82 2.05 -11.67
N TYR A 257 -15.20 0.88 -11.82
CA TYR A 257 -14.24 0.36 -10.82
C TYR A 257 -12.94 1.17 -10.79
N GLU A 258 -12.59 1.67 -9.63
CA GLU A 258 -11.29 2.39 -9.46
C GLU A 258 -10.78 2.27 -8.02
N THR A 259 -9.54 1.81 -7.83
CA THR A 259 -8.90 1.85 -6.52
C THR A 259 -7.37 2.02 -6.71
N ALA A 260 -6.69 2.32 -5.60
CA ALA A 260 -5.21 2.54 -5.64
C ALA A 260 -4.67 2.51 -4.21
N SER A 261 -3.36 2.46 -4.03
CA SER A 261 -2.68 2.53 -2.74
C SER A 261 -1.76 3.75 -2.68
N TRP A 262 -1.12 3.95 -1.53
CA TRP A 262 -0.29 5.13 -1.29
C TRP A 262 0.45 4.96 0.04
N PHE A 263 1.50 5.78 0.24
CA PHE A 263 2.48 5.61 1.30
C PHE A 263 2.99 6.97 1.72
N THR A 264 3.30 7.07 3.01
CA THR A 264 3.61 8.37 3.64
C THR A 264 4.86 8.38 4.55
N VAL A 265 5.35 9.59 4.90
CA VAL A 265 6.18 9.78 6.11
C VAL A 265 5.29 10.63 7.11
N GLY A 266 5.14 10.10 8.33
CA GLY A 266 4.47 10.72 9.46
C GLY A 266 5.44 10.90 10.62
N ALA A 267 5.22 11.92 11.47
CA ALA A 267 6.04 12.14 12.68
C ALA A 267 5.16 12.12 13.95
N PRO A 268 5.70 11.85 15.13
CA PRO A 268 4.89 11.96 16.37
C PRO A 268 4.40 13.41 16.60
N ARG A 269 3.19 13.55 17.13
CA ARG A 269 2.63 14.85 17.47
C ARG A 269 3.67 15.63 18.26
N GLY A 270 3.87 16.91 17.89
CA GLY A 270 4.87 17.76 18.63
C GLY A 270 6.22 17.88 18.03
N THR A 271 6.54 17.12 16.96
CA THR A 271 7.86 17.20 16.33
C THR A 271 8.09 18.65 15.85
N PRO A 272 9.28 19.20 16.08
CA PRO A 272 9.49 20.63 15.74
C PRO A 272 9.18 20.99 14.30
N THR A 273 8.49 22.12 14.06
CA THR A 273 8.18 22.58 12.68
C THR A 273 9.38 22.66 11.77
N GLU A 274 10.52 23.19 12.28
CA GLU A 274 11.76 23.21 11.49
C GLU A 274 12.18 21.84 10.93
N ILE A 275 12.04 20.80 11.76
CA ILE A 275 12.38 19.43 11.33
C ILE A 275 11.37 18.90 10.24
N VAL A 276 10.06 18.99 10.47
CA VAL A 276 9.11 18.58 9.47
C VAL A 276 9.35 19.31 8.10
N THR A 277 9.51 20.62 8.15
CA THR A 277 9.72 21.42 6.93
C THR A 277 11.01 20.97 6.18
N SER A 278 12.10 20.78 6.91
CA SER A 278 13.39 20.33 6.28
C SER A 278 13.22 18.95 5.62
N LEU A 279 12.55 18.04 6.34
CA LEU A 279 12.37 16.68 5.83
C LEU A 279 11.43 16.64 4.61
N ASN A 280 10.35 17.42 4.65
CA ASN A 280 9.45 17.53 3.54
C ASN A 280 10.22 18.11 2.26
N THR A 281 10.94 19.21 2.46
CA THR A 281 11.70 19.81 1.38
C THR A 281 12.68 18.77 0.75
N THR A 282 13.36 17.97 1.57
CA THR A 282 14.40 17.02 1.09
C THR A 282 13.74 15.90 0.31
N VAL A 283 12.67 15.31 0.89
CA VAL A 283 11.96 14.29 0.13
C VAL A 283 11.31 14.83 -1.14
N ALA A 284 10.68 16.00 -1.05
CA ALA A 284 10.01 16.60 -2.24
C ALA A 284 10.99 16.85 -3.41
N ALA A 285 12.25 17.24 -3.07
CA ALA A 285 13.32 17.44 -4.08
C ALA A 285 13.68 16.15 -4.79
N PHE A 286 13.79 15.05 -4.04
CA PHE A 286 14.04 13.72 -4.61
C PHE A 286 12.89 13.34 -5.57
N LEU A 287 11.64 13.38 -5.06
CA LEU A 287 10.46 12.94 -5.81
C LEU A 287 10.22 13.75 -7.10
N GLY A 288 10.47 15.05 -7.06
CA GLY A 288 10.29 15.92 -8.21
C GLY A 288 11.46 15.92 -9.22
N SER A 289 12.62 15.43 -8.83
CA SER A 289 13.75 15.26 -9.71
C SER A 289 13.51 14.25 -10.85
N ASP A 290 14.14 14.51 -12.00
CA ASP A 290 14.08 13.56 -13.13
C ASP A 290 14.51 12.14 -12.78
N SER A 291 15.66 11.99 -12.12
CA SER A 291 16.19 10.78 -11.69
C SER A 291 15.29 10.06 -10.65
N GLY A 292 14.78 10.80 -9.69
CA GLY A 292 13.87 10.20 -8.69
C GLY A 292 12.55 9.69 -9.26
N THR A 293 12.02 10.43 -10.23
CA THR A 293 10.77 10.05 -10.89
C THR A 293 11.02 8.75 -11.66
N VAL A 294 12.14 8.67 -12.40
CA VAL A 294 12.47 7.45 -13.11
C VAL A 294 12.61 6.25 -12.17
N LYS A 295 13.26 6.42 -11.02
CA LYS A 295 13.50 5.33 -10.10
C LYS A 295 12.19 4.81 -9.55
N LEU A 296 11.28 5.71 -9.23
CA LEU A 296 9.98 5.27 -8.70
C LEU A 296 9.20 4.55 -9.77
N ARG A 297 9.11 5.14 -10.95
CA ARG A 297 8.27 4.53 -12.01
C ARG A 297 8.77 3.16 -12.44
N GLU A 298 10.10 2.96 -12.42
CA GLU A 298 10.69 1.66 -12.77
C GLU A 298 10.26 0.57 -11.80
N ILE A 299 9.96 0.91 -10.51
CA ILE A 299 9.51 -0.13 -9.57
C ILE A 299 7.99 -0.31 -9.51
N GLY A 300 7.22 0.53 -10.21
CA GLY A 300 5.75 0.45 -10.31
C GLY A 300 5.01 1.46 -9.42
N ALA A 301 5.65 2.61 -9.14
CA ALA A 301 5.12 3.66 -8.28
C ALA A 301 5.21 5.05 -8.91
N GLU A 302 4.20 5.88 -8.63
CA GLU A 302 4.19 7.29 -9.11
C GLU A 302 4.65 8.20 -7.97
N PRO A 303 5.58 9.13 -8.25
CA PRO A 303 5.95 9.99 -7.15
C PRO A 303 4.81 10.81 -6.56
N GLY A 304 4.81 10.99 -5.24
CA GLY A 304 3.81 11.85 -4.56
C GLY A 304 4.38 13.28 -4.53
N GLY A 305 4.53 13.85 -3.36
CA GLY A 305 5.15 15.14 -3.17
C GLY A 305 4.11 16.04 -2.54
N GLY A 306 4.27 17.36 -2.65
CA GLY A 306 3.35 18.29 -1.99
C GLY A 306 3.70 18.65 -0.56
N SER A 307 2.77 19.32 0.13
CA SER A 307 2.97 19.86 1.45
C SER A 307 2.53 18.86 2.56
N PRO A 308 2.85 19.14 3.83
CA PRO A 308 2.18 18.40 4.91
C PRO A 308 0.66 18.45 4.87
N GLN A 309 0.07 19.64 4.62
CA GLN A 309 -1.44 19.69 4.56
C GLN A 309 -2.02 18.99 3.37
N ASP A 310 -1.30 18.91 2.24
CA ASP A 310 -1.75 18.05 1.12
C ASP A 310 -1.91 16.57 1.59
N MET A 311 -0.97 16.07 2.39
CA MET A 311 -1.09 14.69 2.95
C MET A 311 -2.35 14.56 3.80
N GLN A 312 -2.58 15.57 4.65
CA GLN A 312 -3.80 15.61 5.53
C GLN A 312 -5.11 15.58 4.70
N ARG A 313 -5.17 16.33 3.60
CA ARG A 313 -6.34 16.28 2.66
C ARG A 313 -6.53 14.93 2.00
N HIS A 314 -5.44 14.30 1.54
CA HIS A 314 -5.51 12.99 0.91
C HIS A 314 -6.04 11.98 1.95
N VAL A 315 -5.47 11.98 3.17
CA VAL A 315 -5.95 11.06 4.25
C VAL A 315 -7.44 11.23 4.51
N GLU A 316 -7.90 12.47 4.69
CA GLU A 316 -9.34 12.71 5.01
C GLU A 316 -10.27 12.26 3.89
N ALA A 317 -9.90 12.51 2.63
CA ALA A 317 -10.71 12.03 1.49
C ALA A 317 -10.78 10.49 1.43
N GLU A 318 -9.66 9.84 1.64
CA GLU A 318 -9.59 8.41 1.62
C GLU A 318 -10.37 7.74 2.76
N ILE A 319 -10.41 8.34 3.93
CA ILE A 319 -11.24 7.83 5.06
C ILE A 319 -12.71 7.76 4.60
N ALA A 320 -13.14 8.85 4.02
CA ALA A 320 -14.52 8.99 3.61
C ALA A 320 -14.78 8.04 2.41
N ARG A 321 -13.84 7.93 1.46
CA ARG A 321 -14.18 7.10 0.31
C ARG A 321 -14.22 5.56 0.62
N TRP A 322 -13.22 5.08 1.39
CA TRP A 322 -13.16 3.64 1.78
C TRP A 322 -14.27 3.21 2.77
N GLU A 323 -14.78 4.14 3.62
CA GLU A 323 -15.85 3.78 4.55
C GLU A 323 -17.11 3.41 3.73
N LYS A 324 -17.35 4.15 2.67
CA LYS A 324 -18.46 3.77 1.74
C LYS A 324 -18.26 2.44 1.02
N VAL A 325 -17.05 2.19 0.50
CA VAL A 325 -16.71 0.92 -0.15
C VAL A 325 -16.97 -0.26 0.80
N ALA A 326 -16.51 -0.11 2.05
CA ALA A 326 -16.65 -1.17 3.08
C ALA A 326 -18.08 -1.48 3.35
N LYS A 327 -18.88 -0.44 3.49
CA LYS A 327 -20.32 -0.70 3.70
C LYS A 327 -20.99 -1.44 2.51
N THR A 328 -20.71 -0.96 1.30
CA THR A 328 -21.22 -1.56 0.04
C THR A 328 -20.76 -3.04 -0.09
N ALA A 329 -19.51 -3.33 0.30
CA ALA A 329 -18.93 -4.66 0.17
C ALA A 329 -19.26 -5.55 1.36
N GLY A 330 -19.91 -5.04 2.42
CA GLY A 330 -20.27 -5.88 3.59
C GLY A 330 -19.14 -6.24 4.54
N ILE A 331 -18.16 -5.34 4.67
CA ILE A 331 -17.02 -5.48 5.56
C ILE A 331 -17.06 -4.51 6.71
N ALA A 332 -16.89 -5.02 7.94
CA ALA A 332 -16.90 -4.21 9.18
C ALA A 332 -16.13 -4.97 10.29
N PRO A 333 -15.76 -4.26 11.37
CA PRO A 333 -15.03 -5.00 12.48
C PRO A 333 -15.95 -6.00 13.16
N LEU A 334 -15.46 -7.20 13.49
CA LEU A 334 -16.19 -8.17 14.36
C LEU A 334 -16.42 -7.51 15.70
#